data_1Q2Q
#
_entry.id   1Q2Q
#
_cell.length_a   76.223
_cell.length_b   69.046
_cell.length_c   62.152
_cell.angle_alpha   90.00
_cell.angle_beta   90.00
_cell.angle_gamma   90.00
#
_symmetry.space_group_name_H-M   'P 21 21 2'
#
loop_
_entity.id
_entity.type
_entity.pdbx_description
1 polymer 'class C beta-lactamase'
2 non-polymer '(6,7-DIHYDRO-5H-CYCLOPENTA[D]IMIDAZO[2,1-B]THIAZOL-2-YL]-4,7-DIHYDRO[1,4]THIAZEPINE-3,6-DICARBOXYLIC ACID'
3 non-polymer GLYCEROL
4 water water
#
_entity_poly.entity_id   1
_entity_poly.type   'polypeptide(L)'
_entity_poly.pdbx_seq_one_letter_code
;PVSEKQLAEVVANTVTPLMKAQSVPGMAVAVIYQGKPHYYTFGKADIAANKPVTPQTLFELGSISKTFTGVLGGDAIARG
EISLDDPVTRYWPQLTGKQWQGIRMLDLATYTAGGLPLQVPDEVTDNASLLRFYQNWQPQWKPGTTRLYANASIGLFGAL
AVKPSGMPYEQAMTTRVLKPLKLDHTWINVPKAEEAHYAWGYRDGKAVRAVRVSPGMLDAQAYGVKTNVQDMANWVMANM
APENVADASLKQGIALAQSRYWRIGSMYQGLGWEMLNWPVEANTVVEGSDSKVALAPLPVAEVNPPAPPVKASWVHKTGS
TGGFGSYVAFIPEKQIGIVMLANTSYPNPARVEAAYHILEALQ
;
_entity_poly.pdbx_strand_id   A
#
# COMPACT_ATOMS: atom_id res chain seq x y z
N PRO A 1 28.05 -9.91 6.09
CA PRO A 1 28.00 -8.64 6.81
C PRO A 1 28.41 -7.46 5.93
N VAL A 2 27.58 -7.14 4.95
CA VAL A 2 27.81 -5.96 4.11
C VAL A 2 27.95 -4.67 4.91
N SER A 3 28.96 -3.83 4.64
CA SER A 3 29.18 -2.59 5.37
C SER A 3 28.26 -1.49 4.88
N GLU A 4 28.14 -0.48 5.75
CA GLU A 4 27.40 0.70 5.30
C GLU A 4 28.01 1.33 4.04
N LYS A 5 29.33 1.30 3.93
CA LYS A 5 29.97 1.80 2.73
C LYS A 5 29.51 1.06 1.47
N GLN A 6 29.54 -0.26 1.58
CA GLN A 6 29.15 -1.10 0.44
C GLN A 6 27.68 -0.88 0.14
N LEU A 7 26.84 -0.78 1.17
CA LEU A 7 25.40 -0.59 0.93
C LEU A 7 25.15 0.71 0.18
N ALA A 8 25.86 1.75 0.57
CA ALA A 8 25.75 3.03 -0.10
C ALA A 8 26.13 2.90 -1.59
N GLU A 9 27.15 2.12 -1.88
CA GLU A 9 27.55 1.88 -3.27
C GLU A 9 26.49 1.14 -4.06
N VAL A 10 25.97 0.07 -3.44
CA VAL A 10 24.93 -0.68 -4.12
C VAL A 10 23.70 0.15 -4.46
N VAL A 11 23.31 0.98 -3.50
CA VAL A 11 22.12 1.83 -3.75
C VAL A 11 22.41 2.82 -4.83
N ALA A 12 23.51 3.57 -4.74
CA ALA A 12 23.82 4.52 -5.79
C ALA A 12 23.99 3.87 -7.17
N ASN A 13 24.69 2.75 -7.23
CA ASN A 13 24.98 2.07 -8.47
C ASN A 13 23.70 1.48 -9.11
N THR A 14 22.67 1.26 -8.31
CA THR A 14 21.38 0.78 -8.82
C THR A 14 20.47 1.91 -9.23
N VAL A 15 20.33 2.90 -8.34
CA VAL A 15 19.39 3.99 -8.51
C VAL A 15 19.85 4.93 -9.62
N THR A 16 21.15 5.26 -9.69
CA THR A 16 21.54 6.28 -10.68
C THR A 16 21.24 5.81 -12.10
N PRO A 17 21.60 4.61 -12.51
CA PRO A 17 21.20 4.16 -13.85
C PRO A 17 19.69 4.07 -14.04
N LEU A 18 18.94 3.67 -13.03
CA LEU A 18 17.49 3.58 -13.06
C LEU A 18 16.90 4.95 -13.31
N MET A 19 17.38 5.97 -12.58
CA MET A 19 16.82 7.31 -12.81
C MET A 19 17.08 7.84 -14.20
N LYS A 20 18.25 7.55 -14.75
CA LYS A 20 18.56 7.96 -16.12
C LYS A 20 17.68 7.24 -17.12
N ALA A 21 17.61 5.91 -17.00
CA ALA A 21 16.84 5.17 -18.00
C ALA A 21 15.36 5.47 -17.96
N GLN A 22 14.85 5.80 -16.77
CA GLN A 22 13.40 6.01 -16.63
C GLN A 22 13.00 7.48 -16.56
N SER A 23 13.97 8.37 -16.76
CA SER A 23 13.72 9.80 -16.75
C SER A 23 13.10 10.25 -15.43
N VAL A 24 13.65 9.78 -14.32
CA VAL A 24 13.11 10.10 -13.00
C VAL A 24 13.77 11.33 -12.42
N PRO A 25 13.07 12.41 -12.15
CA PRO A 25 13.72 13.61 -11.60
C PRO A 25 14.28 13.46 -10.20
N GLY A 26 13.54 12.78 -9.31
CA GLY A 26 13.98 12.70 -7.92
C GLY A 26 13.56 11.38 -7.29
N MET A 27 14.40 10.87 -6.40
CA MET A 27 14.08 9.65 -5.65
C MET A 27 14.60 9.76 -4.23
N ALA A 28 13.80 9.25 -3.31
CA ALA A 28 14.23 9.08 -1.95
C ALA A 28 14.17 7.59 -1.62
N VAL A 29 15.25 7.07 -1.07
CA VAL A 29 15.32 5.65 -0.76
C VAL A 29 15.68 5.47 0.71
N ALA A 30 15.06 4.50 1.33
CA ALA A 30 15.43 4.05 2.67
C ALA A 30 15.65 2.54 2.58
N VAL A 31 16.78 2.11 3.10
CA VAL A 31 17.05 0.68 3.27
C VAL A 31 17.02 0.36 4.78
N ILE A 32 16.29 -0.64 5.20
CA ILE A 32 16.24 -1.06 6.60
C ILE A 32 17.21 -2.23 6.72
N TYR A 33 18.22 -2.05 7.56
CA TYR A 33 19.27 -3.03 7.69
C TYR A 33 19.92 -2.87 9.07
N GLN A 34 20.16 -3.96 9.76
CA GLN A 34 20.87 -3.93 11.05
C GLN A 34 20.15 -3.02 12.02
N GLY A 35 18.82 -3.06 11.92
CA GLY A 35 17.97 -2.45 12.93
C GLY A 35 17.69 -0.99 12.74
N LYS A 36 18.08 -0.37 11.62
CA LYS A 36 17.90 1.05 11.45
C LYS A 36 17.74 1.36 9.97
N PRO A 37 17.15 2.50 9.72
CA PRO A 37 17.02 3.02 8.37
C PRO A 37 18.29 3.73 7.91
N HIS A 38 18.56 3.54 6.65
CA HIS A 38 19.65 4.18 5.91
C HIS A 38 19.04 4.94 4.72
N TYR A 39 19.32 6.23 4.68
CA TYR A 39 18.63 7.13 3.77
C TYR A 39 19.52 7.63 2.65
N TYR A 40 18.99 7.61 1.43
CA TYR A 40 19.69 8.06 0.26
C TYR A 40 18.74 8.91 -0.59
N THR A 41 19.21 10.09 -0.97
CA THR A 41 18.36 10.99 -1.73
C THR A 41 19.05 11.36 -3.02
N PHE A 42 18.27 11.52 -4.08
CA PHE A 42 18.76 11.80 -5.41
C PHE A 42 17.88 12.81 -6.13
N GLY A 43 18.54 13.72 -6.84
CA GLY A 43 17.76 14.52 -7.79
C GLY A 43 16.89 15.59 -7.16
N LYS A 44 15.86 15.92 -7.91
CA LYS A 44 15.07 17.11 -7.66
C LYS A 44 13.61 16.77 -7.33
N ALA A 45 13.13 17.45 -6.28
CA ALA A 45 11.71 17.40 -5.91
C ALA A 45 10.89 18.33 -6.79
N ASP A 46 11.49 19.42 -7.24
CA ASP A 46 10.85 20.44 -8.03
C ASP A 46 11.91 20.95 -9.01
N ILE A 47 11.74 20.56 -10.26
CA ILE A 47 12.74 20.95 -11.27
C ILE A 47 12.78 22.45 -11.50
N ALA A 48 11.65 23.09 -11.78
CA ALA A 48 11.67 24.54 -12.05
C ALA A 48 12.24 25.34 -10.92
N ALA A 49 11.96 24.93 -9.68
CA ALA A 49 12.45 25.69 -8.52
C ALA A 49 13.80 25.17 -8.05
N ASN A 50 14.31 24.13 -8.68
CA ASN A 50 15.61 23.55 -8.39
C ASN A 50 15.71 23.14 -6.93
N LYS A 51 14.64 22.53 -6.41
CA LYS A 51 14.62 22.05 -5.04
C LYS A 51 15.09 20.61 -5.01
N PRO A 52 16.09 20.27 -4.22
CA PRO A 52 16.53 18.87 -4.13
C PRO A 52 15.56 17.98 -3.33
N VAL A 53 15.57 16.68 -3.64
CA VAL A 53 14.96 15.71 -2.74
C VAL A 53 15.72 15.65 -1.43
N THR A 54 14.99 15.70 -0.33
CA THR A 54 15.56 15.57 1.02
C THR A 54 14.79 14.50 1.78
N PRO A 55 15.25 14.10 2.96
CA PRO A 55 14.43 13.16 3.73
C PRO A 55 13.09 13.73 4.20
N GLN A 56 12.87 15.01 4.06
CA GLN A 56 11.57 15.60 4.40
C GLN A 56 10.66 15.75 3.18
N THR A 57 11.11 15.47 1.95
CA THR A 57 10.27 15.65 0.78
C THR A 57 9.05 14.73 0.82
N LEU A 58 7.87 15.29 0.57
CA LEU A 58 6.67 14.47 0.53
C LEU A 58 6.44 13.95 -0.87
N PHE A 59 6.13 12.67 -0.96
CA PHE A 59 5.77 12.01 -2.20
C PHE A 59 4.35 11.47 -2.08
N GLU A 60 3.66 11.38 -3.21
CA GLU A 60 2.39 10.67 -3.26
C GLU A 60 2.59 9.16 -3.31
N LEU A 61 2.04 8.39 -2.37
CA LEU A 61 2.27 6.96 -2.30
C LEU A 61 1.39 6.16 -3.24
N GLY A 62 0.35 6.80 -3.77
CA GLY A 62 -0.61 6.02 -4.51
C GLY A 62 -1.12 4.83 -3.74
N SER A 63 -1.18 3.69 -4.43
CA SER A 63 -1.80 2.49 -3.88
C SER A 63 -1.05 1.90 -2.71
N ILE A 64 0.16 2.36 -2.35
CA ILE A 64 0.73 1.89 -1.07
C ILE A 64 -0.13 2.39 0.09
N SER A 65 -0.97 3.38 -0.15
CA SER A 65 -1.98 3.81 0.78
C SER A 65 -2.80 2.64 1.34
N LYS A 66 -2.98 1.62 0.53
CA LYS A 66 -3.82 0.49 0.91
C LYS A 66 -3.23 -0.31 2.04
N THR A 67 -1.93 -0.22 2.26
CA THR A 67 -1.29 -0.91 3.40
C THR A 67 -1.71 -0.27 4.72
N PHE A 68 -1.91 1.05 4.70
CA PHE A 68 -2.40 1.77 5.87
C PHE A 68 -3.85 1.37 6.10
N THR A 69 -4.62 1.27 5.04
CA THR A 69 -5.99 0.82 5.20
C THR A 69 -6.11 -0.58 5.78
N GLY A 70 -5.26 -1.47 5.29
CA GLY A 70 -5.27 -2.83 5.76
C GLY A 70 -4.96 -2.93 7.25
N VAL A 71 -3.90 -2.22 7.70
CA VAL A 71 -3.52 -2.23 9.10
C VAL A 71 -4.60 -1.57 9.94
N LEU A 72 -5.20 -0.46 9.48
CA LEU A 72 -6.28 0.16 10.23
C LEU A 72 -7.46 -0.81 10.41
N GLY A 73 -7.79 -1.51 9.33
CA GLY A 73 -8.85 -2.53 9.44
C GLY A 73 -8.43 -3.64 10.38
N GLY A 74 -7.18 -4.06 10.31
CA GLY A 74 -6.68 -5.04 11.26
C GLY A 74 -6.84 -4.60 12.70
N ASP A 75 -6.51 -3.32 12.93
CA ASP A 75 -6.64 -2.75 14.27
C ASP A 75 -8.09 -2.81 14.75
N ALA A 76 -9.02 -2.52 13.86
CA ALA A 76 -10.44 -2.53 14.21
C ALA A 76 -10.89 -3.94 14.55
N ILE A 77 -10.38 -4.93 13.80
CA ILE A 77 -10.69 -6.34 14.10
C ILE A 77 -10.18 -6.69 15.50
N ALA A 78 -8.95 -6.26 15.77
CA ALA A 78 -8.34 -6.56 17.06
C ALA A 78 -9.04 -5.91 18.23
N ARG A 79 -9.71 -4.78 17.99
CA ARG A 79 -10.50 -4.10 18.98
C ARG A 79 -11.85 -4.77 19.20
N GLY A 80 -12.27 -5.62 18.30
CA GLY A 80 -13.58 -6.21 18.35
C GLY A 80 -14.67 -5.42 17.69
N GLU A 81 -14.27 -4.41 16.92
CA GLU A 81 -15.23 -3.54 16.24
C GLU A 81 -15.83 -4.12 14.97
N ILE A 82 -15.05 -4.92 14.27
CA ILE A 82 -15.49 -5.60 13.06
C ILE A 82 -14.88 -7.00 13.04
N SER A 83 -15.48 -7.83 12.20
CA SER A 83 -14.92 -9.13 11.83
C SER A 83 -14.87 -9.26 10.31
N LEU A 84 -13.79 -9.83 9.79
CA LEU A 84 -13.72 -10.09 8.36
C LEU A 84 -14.82 -11.06 7.92
N ASP A 85 -15.34 -11.89 8.84
CA ASP A 85 -16.36 -12.83 8.45
C ASP A 85 -17.79 -12.23 8.50
N ASP A 86 -17.91 -11.00 8.96
CA ASP A 86 -19.19 -10.30 8.92
C ASP A 86 -19.62 -10.02 7.48
N PRO A 87 -20.91 -10.01 7.22
CA PRO A 87 -21.39 -9.53 5.92
C PRO A 87 -21.15 -8.03 5.79
N VAL A 88 -20.84 -7.59 4.57
CA VAL A 88 -20.77 -6.14 4.28
C VAL A 88 -21.99 -5.41 4.80
N THR A 89 -23.19 -5.96 4.65
CA THR A 89 -24.42 -5.31 5.02
C THR A 89 -24.49 -5.05 6.52
N ARG A 90 -23.74 -5.78 7.33
CA ARG A 90 -23.75 -5.44 8.76
C ARG A 90 -23.37 -3.97 9.02
N TYR A 91 -22.46 -3.46 8.20
CA TYR A 91 -21.92 -2.12 8.32
C TYR A 91 -22.56 -1.11 7.39
N TRP A 92 -23.51 -1.58 6.58
CA TRP A 92 -24.24 -0.68 5.67
C TRP A 92 -25.62 -1.25 5.42
N PRO A 93 -26.47 -1.10 6.39
CA PRO A 93 -27.80 -1.70 6.27
C PRO A 93 -28.60 -1.16 5.10
N GLN A 94 -28.35 0.03 4.58
CA GLN A 94 -29.02 0.59 3.42
C GLN A 94 -28.68 -0.14 2.13
N LEU A 95 -27.64 -0.95 2.12
CA LEU A 95 -27.22 -1.75 0.96
C LEU A 95 -28.08 -3.00 0.92
N THR A 96 -29.28 -2.86 0.38
CA THR A 96 -30.28 -3.92 0.44
C THR A 96 -30.30 -4.87 -0.73
N GLY A 97 -29.55 -4.60 -1.78
CA GLY A 97 -29.59 -5.49 -2.93
C GLY A 97 -29.12 -6.89 -2.58
N LYS A 98 -29.84 -7.91 -3.04
CA LYS A 98 -29.57 -9.26 -2.61
C LYS A 98 -28.33 -9.90 -3.18
N GLN A 99 -27.72 -9.31 -4.18
CA GLN A 99 -26.44 -9.77 -4.67
C GLN A 99 -25.35 -9.65 -3.61
N TRP A 100 -25.58 -8.88 -2.56
CA TRP A 100 -24.62 -8.68 -1.50
C TRP A 100 -24.63 -9.79 -0.47
N GLN A 101 -25.68 -10.60 -0.48
CA GLN A 101 -25.68 -11.68 0.49
C GLN A 101 -24.50 -12.60 0.22
N GLY A 102 -23.77 -12.94 1.29
CA GLY A 102 -22.64 -13.83 1.09
C GLY A 102 -21.35 -13.16 0.79
N ILE A 103 -21.41 -11.84 0.63
CA ILE A 103 -20.18 -11.07 0.45
C ILE A 103 -19.78 -10.57 1.84
N ARG A 104 -18.59 -10.95 2.24
CA ARG A 104 -18.02 -10.63 3.53
C ARG A 104 -17.13 -9.39 3.50
N MET A 105 -16.92 -8.78 4.64
CA MET A 105 -15.91 -7.75 4.79
C MET A 105 -14.56 -8.23 4.24
N LEU A 106 -14.23 -9.50 4.47
CA LEU A 106 -13.00 -10.06 3.90
C LEU A 106 -12.93 -9.89 2.41
N ASP A 107 -14.05 -10.15 1.71
CA ASP A 107 -14.05 -10.07 0.25
C ASP A 107 -13.80 -8.65 -0.22
N LEU A 108 -14.36 -7.66 0.47
CA LEU A 108 -14.05 -6.27 0.09
C LEU A 108 -12.58 -5.99 0.27
N ALA A 109 -12.05 -6.47 1.40
CA ALA A 109 -10.69 -6.09 1.76
C ALA A 109 -9.67 -6.70 0.84
N THR A 110 -9.97 -7.85 0.26
CA THR A 110 -9.00 -8.62 -0.51
C THR A 110 -9.41 -8.84 -1.93
N TYR A 111 -10.37 -8.07 -2.46
CA TYR A 111 -10.67 -7.97 -3.89
C TYR A 111 -11.40 -9.19 -4.45
N THR A 112 -12.09 -9.94 -3.58
CA THR A 112 -12.74 -11.17 -3.99
C THR A 112 -14.25 -11.13 -3.94
N ALA A 113 -14.85 -9.95 -3.95
CA ALA A 113 -16.32 -9.84 -3.86
C ALA A 113 -17.03 -10.35 -5.10
N GLY A 114 -16.34 -10.42 -6.23
CA GLY A 114 -16.87 -11.02 -7.43
C GLY A 114 -16.94 -10.11 -8.62
N GLY A 115 -15.97 -9.22 -8.75
CA GLY A 115 -15.83 -8.34 -9.90
C GLY A 115 -16.03 -6.85 -9.67
N LEU A 116 -15.98 -6.36 -8.43
CA LEU A 116 -16.01 -4.91 -8.25
C LEU A 116 -14.88 -4.32 -9.05
N PRO A 117 -15.19 -3.25 -9.76
CA PRO A 117 -14.21 -2.75 -10.72
C PRO A 117 -13.06 -1.96 -10.10
N LEU A 118 -12.03 -1.76 -10.92
CA LEU A 118 -10.83 -1.07 -10.48
C LEU A 118 -11.14 0.27 -9.85
N GLN A 119 -11.99 1.04 -10.52
CA GLN A 119 -12.28 2.38 -10.09
C GLN A 119 -13.74 2.53 -9.68
N VAL A 120 -13.95 3.37 -8.68
CA VAL A 120 -15.25 3.98 -8.41
C VAL A 120 -15.47 5.06 -9.48
N PRO A 121 -16.55 5.06 -10.22
CA PRO A 121 -16.68 6.02 -11.32
C PRO A 121 -16.87 7.45 -10.83
N ASP A 122 -16.50 8.42 -11.63
CA ASP A 122 -16.46 9.81 -11.27
C ASP A 122 -17.82 10.39 -10.95
N GLU A 123 -18.95 9.82 -11.40
CA GLU A 123 -20.22 10.37 -10.95
C GLU A 123 -20.53 10.06 -9.48
N VAL A 124 -19.70 9.24 -8.84
CA VAL A 124 -19.92 8.97 -7.41
C VAL A 124 -19.22 10.05 -6.61
N THR A 125 -20.02 10.87 -5.94
CA THR A 125 -19.55 12.08 -5.25
C THR A 125 -20.13 12.28 -3.85
N ASP A 126 -21.03 11.39 -3.40
CA ASP A 126 -21.69 11.57 -2.12
C ASP A 126 -22.28 10.24 -1.67
N ASN A 127 -22.91 10.17 -0.49
CA ASN A 127 -23.35 8.88 -0.03
C ASN A 127 -24.46 8.36 -0.94
N ALA A 128 -25.35 9.20 -1.41
CA ALA A 128 -26.45 8.71 -2.23
C ALA A 128 -25.93 8.06 -3.51
N SER A 129 -24.92 8.65 -4.14
CA SER A 129 -24.38 8.07 -5.37
C SER A 129 -23.48 6.87 -5.11
N LEU A 130 -22.82 6.83 -3.95
CA LEU A 130 -22.06 5.65 -3.57
C LEU A 130 -23.02 4.48 -3.43
N LEU A 131 -24.11 4.73 -2.74
CA LEU A 131 -25.11 3.69 -2.53
C LEU A 131 -25.68 3.20 -3.85
N ARG A 132 -26.00 4.14 -4.76
CA ARG A 132 -26.58 3.76 -6.04
C ARG A 132 -25.60 2.87 -6.81
N PHE A 133 -24.32 3.21 -6.79
CA PHE A 133 -23.29 2.47 -7.50
C PHE A 133 -23.21 1.03 -6.99
N TYR A 134 -23.10 0.83 -5.67
CA TYR A 134 -23.03 -0.51 -5.13
C TYR A 134 -24.33 -1.28 -5.21
N GLN A 135 -25.48 -0.59 -5.14
CA GLN A 135 -26.77 -1.25 -5.31
C GLN A 135 -26.96 -1.78 -6.74
N ASN A 136 -26.44 -1.05 -7.72
CA ASN A 136 -26.60 -1.42 -9.14
C ASN A 136 -25.61 -2.48 -9.60
N TRP A 137 -24.48 -2.63 -8.92
CA TRP A 137 -23.40 -3.51 -9.33
C TRP A 137 -23.88 -4.96 -9.41
N GLN A 138 -23.62 -5.60 -10.53
CA GLN A 138 -23.93 -6.99 -10.75
C GLN A 138 -22.67 -7.82 -10.75
N PRO A 139 -22.45 -8.71 -9.80
CA PRO A 139 -21.21 -9.50 -9.76
C PRO A 139 -21.07 -10.41 -10.98
N GLN A 140 -19.86 -10.41 -11.53
CA GLN A 140 -19.49 -11.32 -12.59
C GLN A 140 -19.17 -12.71 -12.08
N TRP A 141 -18.75 -12.82 -10.83
CA TRP A 141 -18.39 -14.07 -10.20
C TRP A 141 -19.05 -14.18 -8.83
N LYS A 142 -19.16 -15.42 -8.38
CA LYS A 142 -19.58 -15.66 -7.00
C LYS A 142 -18.50 -15.12 -6.05
N PRO A 143 -18.85 -14.84 -4.79
CA PRO A 143 -17.86 -14.38 -3.84
C PRO A 143 -16.75 -15.41 -3.62
N GLY A 144 -15.56 -14.93 -3.34
CA GLY A 144 -14.53 -15.87 -2.91
C GLY A 144 -14.03 -16.77 -4.02
N THR A 145 -14.15 -16.36 -5.29
CA THR A 145 -13.69 -17.18 -6.41
C THR A 145 -12.66 -16.48 -7.30
N THR A 146 -12.72 -15.17 -7.42
CA THR A 146 -11.92 -14.42 -8.38
C THR A 146 -11.36 -13.18 -7.68
N ARG A 147 -10.06 -12.95 -7.80
CA ARG A 147 -9.41 -11.75 -7.29
C ARG A 147 -9.33 -10.77 -8.45
N LEU A 148 -9.89 -9.57 -8.25
CA LEU A 148 -9.73 -8.50 -9.24
C LEU A 148 -9.32 -7.23 -8.48
N TYR A 149 -8.06 -6.82 -8.57
CA TYR A 149 -7.56 -5.66 -7.85
C TYR A 149 -8.47 -4.46 -8.06
N ALA A 150 -8.92 -3.83 -6.98
CA ALA A 150 -10.01 -2.86 -7.13
C ALA A 150 -10.05 -1.85 -6.00
N ASN A 151 -9.98 -0.57 -6.37
CA ASN A 151 -10.19 0.47 -5.39
C ASN A 151 -11.62 0.46 -4.89
N ALA A 152 -12.56 0.07 -5.75
CA ALA A 152 -13.97 0.01 -5.36
C ALA A 152 -14.22 -1.07 -4.31
N SER A 153 -13.29 -1.98 -4.16
CA SER A 153 -13.40 -3.06 -3.17
C SER A 153 -12.78 -2.64 -1.86
N ILE A 154 -11.46 -2.45 -1.86
CA ILE A 154 -10.80 -2.11 -0.58
C ILE A 154 -11.18 -0.73 -0.12
N GLY A 155 -11.54 0.16 -1.03
CA GLY A 155 -11.94 1.47 -0.60
C GLY A 155 -13.18 1.39 0.28
N LEU A 156 -14.16 0.59 -0.17
CA LEU A 156 -15.37 0.46 0.62
C LEU A 156 -15.08 -0.23 1.93
N PHE A 157 -14.19 -1.23 1.91
CA PHE A 157 -13.77 -1.85 3.18
C PHE A 157 -13.30 -0.81 4.18
N GLY A 158 -12.44 0.09 3.69
CA GLY A 158 -11.87 1.06 4.60
C GLY A 158 -12.91 2.01 5.20
N ALA A 159 -13.88 2.39 4.36
CA ALA A 159 -14.97 3.23 4.85
C ALA A 159 -15.83 2.53 5.91
N LEU A 160 -16.12 1.26 5.67
CA LEU A 160 -17.02 0.51 6.55
C LEU A 160 -16.28 0.11 7.81
N ALA A 161 -14.99 -0.20 7.70
CA ALA A 161 -14.22 -0.68 8.85
C ALA A 161 -14.14 0.35 9.96
N VAL A 162 -14.19 1.63 9.61
CA VAL A 162 -14.07 2.68 10.62
C VAL A 162 -15.44 3.10 11.17
N LYS A 163 -16.54 2.60 10.59
CA LYS A 163 -17.82 3.06 11.10
C LYS A 163 -18.05 2.83 12.58
N PRO A 164 -17.77 1.66 13.12
CA PRO A 164 -17.99 1.45 14.57
C PRO A 164 -17.28 2.46 15.43
N SER A 165 -16.12 2.91 14.97
CA SER A 165 -15.33 3.84 15.74
C SER A 165 -15.98 5.22 15.86
N GLY A 166 -16.86 5.53 14.91
CA GLY A 166 -17.49 6.83 14.90
C GLY A 166 -16.66 7.94 14.27
N MET A 167 -15.47 7.65 13.80
CA MET A 167 -14.57 8.60 13.19
C MET A 167 -14.54 8.42 11.68
N PRO A 168 -14.46 9.53 10.99
CA PRO A 168 -14.18 9.41 9.55
C PRO A 168 -12.81 8.77 9.32
N TYR A 169 -12.63 8.23 8.13
CA TYR A 169 -11.42 7.49 7.84
C TYR A 169 -10.16 8.25 8.15
N GLU A 170 -10.03 9.50 7.71
CA GLU A 170 -8.77 10.20 7.92
C GLU A 170 -8.44 10.34 9.39
N GLN A 171 -9.45 10.71 10.17
CA GLN A 171 -9.23 10.82 11.61
C GLN A 171 -8.93 9.47 12.26
N ALA A 172 -9.66 8.44 11.87
CA ALA A 172 -9.39 7.13 12.46
C ALA A 172 -7.94 6.71 12.15
N MET A 173 -7.52 6.91 10.91
CA MET A 173 -6.18 6.53 10.49
C MET A 173 -5.11 7.29 11.26
N THR A 174 -5.32 8.59 11.35
CA THR A 174 -4.33 9.40 12.05
C THR A 174 -4.24 9.02 13.50
N THR A 175 -5.39 8.80 14.13
CA THR A 175 -5.44 8.58 15.57
C THR A 175 -4.95 7.20 16.00
N ARG A 176 -5.30 6.20 15.19
CA ARG A 176 -5.00 4.83 15.56
C ARG A 176 -3.78 4.19 14.92
N VAL A 177 -3.27 4.74 13.82
CA VAL A 177 -2.11 4.17 13.15
C VAL A 177 -0.97 5.17 13.11
N LEU A 178 -1.21 6.37 12.56
CA LEU A 178 -0.09 7.28 12.36
C LEU A 178 0.47 7.83 13.66
N LYS A 179 -0.42 8.37 14.51
CA LYS A 179 0.13 9.01 15.71
C LYS A 179 0.83 8.04 16.64
N PRO A 180 0.27 6.86 16.92
CA PRO A 180 1.02 5.91 17.79
C PRO A 180 2.39 5.52 17.27
N LEU A 181 2.54 5.47 15.95
CA LEU A 181 3.83 5.14 15.35
C LEU A 181 4.74 6.32 15.06
N LYS A 182 4.30 7.49 15.51
CA LYS A 182 5.05 8.73 15.38
C LYS A 182 5.27 9.08 13.91
N LEU A 183 4.25 8.80 13.07
CA LEU A 183 4.27 9.18 11.68
C LEU A 183 3.58 10.52 11.53
N ASP A 184 4.33 11.55 11.93
CA ASP A 184 3.77 12.90 12.09
C ASP A 184 3.86 13.79 10.85
N HIS A 185 4.37 13.24 9.76
CA HIS A 185 4.46 13.92 8.45
C HIS A 185 3.89 13.05 7.33
N THR A 186 2.79 12.39 7.68
CA THR A 186 2.05 11.51 6.77
C THR A 186 0.62 12.04 6.68
N TRP A 187 0.17 12.37 5.48
CA TRP A 187 -1.00 13.17 5.26
C TRP A 187 -1.94 12.61 4.20
N ILE A 188 -3.22 12.94 4.28
CA ILE A 188 -4.11 12.78 3.14
C ILE A 188 -4.11 14.08 2.32
N ASN A 189 -4.62 15.21 2.79
CA ASN A 189 -4.33 16.44 2.04
C ASN A 189 -3.20 17.12 2.80
N VAL A 190 -2.25 17.65 2.02
CA VAL A 190 -1.09 18.23 2.72
C VAL A 190 -1.44 19.60 3.26
N PRO A 191 -1.23 19.84 4.55
CA PRO A 191 -1.55 21.16 5.10
C PRO A 191 -0.81 22.25 4.34
N LYS A 192 -1.44 23.42 4.23
CA LYS A 192 -0.84 24.54 3.53
C LYS A 192 0.58 24.78 4.02
N ALA A 193 0.69 24.63 5.33
CA ALA A 193 1.94 24.83 6.02
C ALA A 193 3.04 23.85 5.66
N GLU A 194 2.69 22.70 5.06
CA GLU A 194 3.74 21.70 4.79
C GLU A 194 4.08 21.69 3.31
N GLU A 195 3.44 22.66 2.62
CA GLU A 195 3.52 22.65 1.18
C GLU A 195 4.95 22.76 0.69
N ALA A 196 5.77 23.46 1.47
CA ALA A 196 7.16 23.60 1.00
C ALA A 196 7.88 22.27 0.82
N HIS A 197 7.44 21.23 1.50
CA HIS A 197 8.07 19.94 1.41
C HIS A 197 7.49 19.06 0.33
N TYR A 198 6.34 19.44 -0.24
CA TYR A 198 5.67 18.56 -1.21
C TYR A 198 6.37 18.60 -2.56
N ALA A 199 6.86 17.45 -3.02
CA ALA A 199 7.41 17.34 -4.37
C ALA A 199 6.33 17.62 -5.40
N TRP A 200 6.78 18.01 -6.58
CA TRP A 200 5.97 17.92 -7.78
C TRP A 200 6.17 16.54 -8.42
N GLY A 201 5.11 15.94 -8.96
CA GLY A 201 5.24 14.74 -9.77
C GLY A 201 5.47 15.20 -11.21
N TYR A 202 5.93 14.28 -12.04
CA TYR A 202 6.25 14.60 -13.42
C TYR A 202 5.69 13.53 -14.35
N ARG A 203 4.97 13.99 -15.36
CA ARG A 203 4.36 13.10 -16.32
C ARG A 203 4.56 13.70 -17.72
N ASP A 204 5.28 13.03 -18.57
CA ASP A 204 5.58 13.50 -19.92
C ASP A 204 6.15 14.91 -19.88
N GLY A 205 6.99 15.20 -18.90
CA GLY A 205 7.63 16.50 -18.80
C GLY A 205 6.85 17.54 -18.05
N LYS A 206 5.61 17.30 -17.68
CA LYS A 206 4.77 18.26 -16.99
C LYS A 206 4.75 17.97 -15.51
N ALA A 207 4.90 19.01 -14.74
CA ALA A 207 4.72 18.95 -13.29
C ALA A 207 3.25 18.75 -12.97
N VAL A 208 2.92 17.74 -12.19
CA VAL A 208 1.55 17.40 -11.80
C VAL A 208 1.51 16.93 -10.35
N ARG A 209 0.36 17.14 -9.74
CA ARG A 209 0.02 16.68 -8.40
C ARG A 209 -1.40 16.15 -8.39
N ALA A 210 -1.67 15.27 -7.44
CA ALA A 210 -2.99 14.69 -7.29
C ALA A 210 -4.02 15.75 -6.89
N VAL A 211 -5.25 15.56 -7.39
CA VAL A 211 -6.36 16.45 -7.03
C VAL A 211 -6.65 16.21 -5.54
N ARG A 212 -7.16 17.22 -4.87
CA ARG A 212 -7.51 17.23 -3.46
C ARG A 212 -8.53 16.14 -3.11
N MET A 217 -15.55 10.21 0.37
CA MET A 217 -15.32 9.34 -0.80
C MET A 217 -14.27 8.30 -0.45
N LEU A 218 -13.89 7.45 -1.41
CA LEU A 218 -13.05 6.32 -1.04
C LEU A 218 -11.63 6.51 -1.49
N ASP A 219 -11.23 7.71 -1.89
CA ASP A 219 -9.88 7.87 -2.43
C ASP A 219 -8.77 7.79 -1.40
N ALA A 220 -8.99 8.31 -0.22
CA ALA A 220 -7.95 8.32 0.81
C ALA A 220 -7.51 6.88 1.08
N GLN A 221 -8.46 5.98 1.24
CA GLN A 221 -8.29 4.59 1.51
C GLN A 221 -7.57 3.78 0.43
N ALA A 222 -7.68 4.23 -0.79
CA ALA A 222 -7.16 3.44 -1.91
C ALA A 222 -5.85 3.99 -2.46
N TYR A 223 -5.72 5.32 -2.48
CA TYR A 223 -4.50 5.88 -3.08
C TYR A 223 -4.09 7.26 -2.60
N GLY A 224 -4.66 7.83 -1.56
CA GLY A 224 -4.50 9.20 -1.18
C GLY A 224 -3.42 9.65 -0.24
N VAL A 225 -2.56 8.79 0.27
CA VAL A 225 -1.59 9.18 1.31
C VAL A 225 -0.35 9.79 0.72
N LYS A 226 0.15 10.83 1.37
CA LYS A 226 1.42 11.49 1.04
C LYS A 226 2.33 11.37 2.24
N THR A 227 3.62 11.12 2.04
CA THR A 227 4.52 11.02 3.20
C THR A 227 5.95 11.27 2.74
N ASN A 228 6.88 11.35 3.70
CA ASN A 228 8.30 11.45 3.36
C ASN A 228 9.01 10.12 3.61
N VAL A 229 10.31 10.03 3.27
CA VAL A 229 10.96 8.72 3.35
C VAL A 229 11.25 8.29 4.77
N GLN A 230 11.27 9.23 5.70
CA GLN A 230 11.52 8.88 7.09
C GLN A 230 10.30 8.19 7.67
N ASP A 231 9.13 8.77 7.50
CA ASP A 231 7.89 8.16 7.97
C ASP A 231 7.71 6.81 7.27
N MET A 232 8.00 6.76 5.96
CA MET A 232 7.81 5.49 5.28
C MET A 232 8.80 4.45 5.80
N ALA A 233 10.03 4.85 6.12
CA ALA A 233 10.97 3.86 6.66
C ALA A 233 10.48 3.29 7.97
N ASN A 234 9.94 4.19 8.81
CA ASN A 234 9.43 3.81 10.10
C ASN A 234 8.14 2.99 9.97
N TRP A 235 7.32 3.24 8.97
CA TRP A 235 6.20 2.41 8.62
C TRP A 235 6.67 1.00 8.27
N VAL A 236 7.67 0.91 7.39
CA VAL A 236 8.18 -0.41 7.05
C VAL A 236 8.74 -1.13 8.27
N MET A 237 9.45 -0.41 9.14
CA MET A 237 10.00 -1.07 10.32
C MET A 237 8.93 -1.62 11.25
N ALA A 238 7.84 -0.87 11.41
CA ALA A 238 6.75 -1.33 12.25
C ALA A 238 6.10 -2.60 11.68
N ASN A 239 5.97 -2.67 10.37
CA ASN A 239 5.34 -3.81 9.73
C ASN A 239 6.28 -5.01 9.69
N MET A 240 7.56 -4.73 9.60
CA MET A 240 8.59 -5.76 9.62
C MET A 240 8.73 -6.43 10.98
N ALA A 241 8.61 -5.62 12.03
CA ALA A 241 8.82 -6.04 13.39
C ALA A 241 7.74 -5.53 14.37
N PRO A 242 6.52 -6.05 14.21
CA PRO A 242 5.43 -5.63 15.08
C PRO A 242 5.66 -6.00 16.54
N GLU A 243 6.59 -6.91 16.84
CA GLU A 243 6.93 -7.21 18.23
C GLU A 243 7.33 -5.95 18.98
N ASN A 244 7.85 -4.94 18.27
CA ASN A 244 8.28 -3.70 18.91
C ASN A 244 7.20 -2.64 18.96
N VAL A 245 6.00 -2.93 18.46
CA VAL A 245 4.86 -2.03 18.58
C VAL A 245 4.15 -2.29 19.88
N ALA A 246 3.99 -1.30 20.73
CA ALA A 246 3.49 -1.51 22.09
C ALA A 246 1.98 -1.64 22.18
N ASP A 247 1.25 -0.87 21.36
CA ASP A 247 -0.21 -0.87 21.39
C ASP A 247 -0.72 -2.24 20.97
N ALA A 248 -1.47 -2.88 21.86
CA ALA A 248 -1.76 -4.29 21.57
C ALA A 248 -2.66 -4.49 20.38
N SER A 249 -3.62 -3.59 20.14
CA SER A 249 -4.47 -3.83 18.98
C SER A 249 -3.76 -3.51 17.68
N LEU A 250 -2.90 -2.51 17.73
CA LEU A 250 -2.19 -2.08 16.53
C LEU A 250 -1.21 -3.18 16.11
N LYS A 251 -0.49 -3.75 17.09
CA LYS A 251 0.43 -4.86 16.87
C LYS A 251 -0.33 -6.00 16.21
N GLN A 252 -1.52 -6.31 16.73
CA GLN A 252 -2.33 -7.39 16.14
C GLN A 252 -2.81 -7.02 14.74
N GLY A 253 -3.17 -5.75 14.55
CA GLY A 253 -3.62 -5.34 13.25
C GLY A 253 -2.56 -5.43 12.17
N ILE A 254 -1.32 -5.14 12.54
CA ILE A 254 -0.21 -5.29 11.61
C ILE A 254 -0.09 -6.74 11.19
N ALA A 255 -0.21 -7.67 12.17
CA ALA A 255 -0.15 -9.10 11.83
C ALA A 255 -1.32 -9.50 10.97
N LEU A 256 -2.52 -9.00 11.27
CA LEU A 256 -3.67 -9.40 10.46
C LEU A 256 -3.48 -8.95 9.02
N ALA A 257 -2.80 -7.82 8.79
CA ALA A 257 -2.63 -7.31 7.43
C ALA A 257 -1.62 -8.09 6.63
N GLN A 258 -0.69 -8.77 7.31
CA GLN A 258 0.29 -9.65 6.68
C GLN A 258 -0.07 -11.14 6.76
N SER A 259 -1.30 -11.40 7.22
CA SER A 259 -1.82 -12.78 7.14
C SER A 259 -2.22 -13.14 5.73
N ARG A 260 -2.16 -14.42 5.42
CA ARG A 260 -2.52 -14.86 4.09
C ARG A 260 -3.98 -15.30 4.04
N TYR A 261 -4.76 -14.65 3.19
CA TYR A 261 -6.19 -14.91 3.08
C TYR A 261 -6.54 -15.71 1.83
N TRP A 262 -5.74 -15.57 0.78
CA TRP A 262 -5.98 -16.19 -0.51
C TRP A 262 -4.62 -16.49 -1.12
N ARG A 263 -4.55 -17.57 -1.88
CA ARG A 263 -3.42 -17.81 -2.75
C ARG A 263 -3.84 -17.58 -4.22
N ILE A 264 -3.01 -16.83 -4.94
CA ILE A 264 -3.25 -16.55 -6.36
C ILE A 264 -1.94 -16.82 -7.08
N GLY A 265 -1.85 -18.00 -7.68
CA GLY A 265 -0.58 -18.34 -8.29
C GLY A 265 0.55 -18.36 -7.27
N SER A 266 1.59 -17.55 -7.45
CA SER A 266 2.76 -17.53 -6.58
C SER A 266 2.67 -16.50 -5.47
N MET A 267 1.56 -15.76 -5.40
CA MET A 267 1.42 -14.77 -4.35
C MET A 267 0.22 -15.10 -3.47
N TYR A 268 0.23 -14.34 -2.36
CA TYR A 268 -0.81 -14.42 -1.36
C TYR A 268 -1.31 -13.01 -1.05
N GLN A 269 -2.63 -12.91 -0.88
CA GLN A 269 -3.23 -11.63 -0.59
C GLN A 269 -3.42 -11.42 0.90
N GLY A 270 -2.85 -10.32 1.41
CA GLY A 270 -3.09 -9.84 2.76
C GLY A 270 -4.12 -8.71 2.76
N LEU A 271 -4.12 -7.89 3.81
CA LEU A 271 -4.97 -6.68 3.82
C LEU A 271 -4.09 -5.53 3.36
N GLY A 272 -4.21 -5.19 2.08
CA GLY A 272 -3.30 -4.21 1.46
C GLY A 272 -2.00 -4.81 1.00
N TRP A 273 -1.23 -5.34 1.96
CA TRP A 273 0.01 -6.01 1.67
C TRP A 273 -0.25 -7.26 0.82
N GLU A 274 0.73 -7.57 -0.01
CA GLU A 274 0.78 -8.81 -0.75
C GLU A 274 2.06 -9.54 -0.39
N MET A 275 2.09 -10.84 -0.48
CA MET A 275 3.23 -11.66 -0.04
C MET A 275 3.56 -12.77 -1.02
N LEU A 276 4.85 -13.08 -1.12
CA LEU A 276 5.33 -14.29 -1.73
C LEU A 276 6.18 -15.03 -0.70
N ASN A 277 6.22 -16.38 -0.78
CA ASN A 277 7.11 -17.09 0.13
C ASN A 277 8.57 -16.75 -0.18
N TRP A 278 9.40 -16.57 0.84
CA TRP A 278 10.84 -16.38 0.67
C TRP A 278 11.55 -17.69 0.93
N PRO A 279 12.58 -18.11 0.19
CA PRO A 279 13.14 -17.38 -0.95
C PRO A 279 12.27 -17.36 -2.21
N VAL A 280 12.37 -16.25 -2.94
CA VAL A 280 11.70 -16.09 -4.23
C VAL A 280 12.74 -15.49 -5.17
N GLU A 281 12.71 -15.99 -6.41
CA GLU A 281 13.58 -15.39 -7.40
C GLU A 281 12.99 -14.11 -7.97
N ALA A 282 13.88 -13.27 -8.50
CA ALA A 282 13.48 -11.98 -9.04
C ALA A 282 12.46 -12.14 -10.14
N ASN A 283 12.61 -13.07 -11.07
CA ASN A 283 11.66 -13.09 -12.18
C ASN A 283 10.22 -13.36 -11.74
N THR A 284 10.04 -14.16 -10.70
CA THR A 284 8.71 -14.41 -10.15
C THR A 284 8.04 -13.12 -9.73
N VAL A 285 8.77 -12.32 -8.96
CA VAL A 285 8.22 -11.09 -8.44
C VAL A 285 8.03 -10.05 -9.54
N VAL A 286 9.01 -9.92 -10.41
CA VAL A 286 9.02 -8.91 -11.48
C VAL A 286 7.87 -9.23 -12.44
N GLU A 287 7.72 -10.50 -12.82
CA GLU A 287 6.69 -10.87 -13.80
C GLU A 287 5.29 -10.65 -13.22
N GLY A 288 5.13 -10.85 -11.91
CA GLY A 288 3.85 -10.63 -11.28
C GLY A 288 3.45 -9.16 -11.19
N SER A 289 4.42 -8.27 -11.36
CA SER A 289 4.22 -6.84 -11.21
C SER A 289 3.71 -6.15 -12.46
N ASP A 290 3.82 -6.87 -13.58
CA ASP A 290 3.33 -6.34 -14.84
C ASP A 290 1.83 -6.12 -14.73
N SER A 291 1.37 -4.95 -15.13
CA SER A 291 -0.05 -4.63 -15.11
C SER A 291 -0.94 -5.66 -15.81
N LYS A 292 -0.51 -6.33 -16.86
CA LYS A 292 -1.33 -7.31 -17.56
C LYS A 292 -1.70 -8.47 -16.64
N VAL A 293 -0.83 -8.74 -15.66
CA VAL A 293 -1.04 -9.72 -14.62
C VAL A 293 -1.69 -9.10 -13.38
N ALA A 294 -1.10 -8.02 -12.90
CA ALA A 294 -1.58 -7.44 -11.62
C ALA A 294 -3.02 -6.99 -11.63
N LEU A 295 -3.52 -6.59 -12.80
CA LEU A 295 -4.90 -6.09 -12.88
C LEU A 295 -5.87 -7.13 -13.43
N ALA A 296 -5.39 -8.34 -13.75
CA ALA A 296 -6.24 -9.39 -14.31
C ALA A 296 -7.12 -10.05 -13.25
N PRO A 297 -8.30 -10.49 -13.67
CA PRO A 297 -9.14 -11.30 -12.80
C PRO A 297 -8.54 -12.71 -12.81
N LEU A 298 -8.21 -13.19 -11.62
CA LEU A 298 -7.58 -14.50 -11.46
C LEU A 298 -8.27 -15.34 -10.38
N PRO A 299 -8.31 -16.66 -10.58
CA PRO A 299 -8.90 -17.50 -9.54
C PRO A 299 -8.05 -17.55 -8.28
N VAL A 300 -8.80 -17.68 -7.20
CA VAL A 300 -8.21 -17.78 -5.88
C VAL A 300 -8.42 -19.14 -5.22
N ALA A 301 -7.51 -19.40 -4.29
CA ALA A 301 -7.62 -20.53 -3.37
C ALA A 301 -7.72 -19.95 -1.96
N GLU A 302 -8.82 -20.28 -1.29
CA GLU A 302 -8.97 -19.76 0.08
C GLU A 302 -7.93 -20.30 1.04
N VAL A 303 -7.43 -19.44 1.91
CA VAL A 303 -6.65 -19.88 3.08
C VAL A 303 -7.55 -19.71 4.28
N ASN A 304 -8.13 -20.84 4.70
CA ASN A 304 -9.16 -20.83 5.73
C ASN A 304 -8.83 -21.88 6.79
N PRO A 305 -8.54 -21.50 8.03
CA PRO A 305 -8.48 -20.11 8.52
C PRO A 305 -7.28 -19.35 7.95
N PRO A 306 -7.33 -18.02 7.94
CA PRO A 306 -6.17 -17.31 7.40
C PRO A 306 -4.88 -17.71 8.09
N ALA A 307 -3.79 -17.70 7.30
CA ALA A 307 -2.50 -18.08 7.85
C ALA A 307 -1.86 -16.86 8.50
N PRO A 308 -1.44 -16.91 9.74
CA PRO A 308 -0.76 -15.75 10.34
C PRO A 308 0.54 -15.45 9.62
N PRO A 309 1.12 -14.29 9.91
CA PRO A 309 2.30 -13.88 9.15
C PRO A 309 3.39 -14.94 9.17
N VAL A 310 3.95 -15.12 7.98
CA VAL A 310 5.04 -16.06 7.74
C VAL A 310 6.31 -15.22 7.66
N LYS A 311 7.23 -15.50 8.58
CA LYS A 311 8.42 -14.60 8.57
C LYS A 311 9.22 -14.71 7.27
N ALA A 312 9.31 -15.91 6.71
CA ALA A 312 9.96 -16.12 5.43
C ALA A 312 9.01 -15.76 4.29
N SER A 313 8.81 -14.45 4.13
CA SER A 313 7.99 -13.84 3.13
C SER A 313 8.70 -12.65 2.49
N TRP A 314 8.47 -12.41 1.23
CA TRP A 314 8.68 -11.14 0.52
C TRP A 314 7.34 -10.40 0.66
N VAL A 315 7.27 -9.37 1.46
CA VAL A 315 6.07 -8.57 1.67
C VAL A 315 6.26 -7.26 0.93
N HIS A 316 5.28 -6.91 0.08
CA HIS A 316 5.51 -5.73 -0.77
C HIS A 316 4.20 -5.07 -1.20
N LYS A 317 4.34 -3.91 -1.78
CA LYS A 317 3.28 -3.19 -2.44
C LYS A 317 3.84 -2.10 -3.37
N THR A 318 3.30 -2.07 -4.59
CA THR A 318 3.56 -0.98 -5.52
C THR A 318 2.49 0.09 -5.37
N GLY A 319 2.89 1.32 -5.67
CA GLY A 319 1.92 2.40 -5.68
C GLY A 319 2.29 3.53 -6.62
N SER A 320 1.30 4.07 -7.33
CA SER A 320 1.54 5.16 -8.24
C SER A 320 0.38 6.15 -8.23
N THR A 321 0.71 7.35 -8.71
CA THR A 321 -0.29 8.34 -9.08
C THR A 321 0.09 8.88 -10.45
N GLY A 322 -0.56 9.92 -10.93
CA GLY A 322 -0.22 10.42 -12.26
C GLY A 322 1.24 10.80 -12.34
N GLY A 323 1.79 11.35 -11.26
CA GLY A 323 3.12 11.89 -11.24
C GLY A 323 4.15 11.17 -10.42
N PHE A 324 3.81 10.09 -9.72
CA PHE A 324 4.67 9.45 -8.75
C PHE A 324 4.61 7.95 -8.89
N GLY A 325 5.75 7.36 -8.54
CA GLY A 325 5.85 5.92 -8.56
C GLY A 325 6.71 5.47 -7.39
N SER A 326 6.17 4.58 -6.58
CA SER A 326 6.84 4.13 -5.38
C SER A 326 6.71 2.62 -5.21
N TYR A 327 7.60 2.13 -4.33
CA TYR A 327 7.60 0.68 -4.09
C TYR A 327 8.14 0.43 -2.68
N VAL A 328 7.57 -0.54 -2.00
CA VAL A 328 8.11 -0.97 -0.72
C VAL A 328 8.10 -2.50 -0.66
N ALA A 329 9.17 -3.02 -0.06
CA ALA A 329 9.31 -4.46 0.09
C ALA A 329 10.15 -4.77 1.33
N PHE A 330 9.82 -5.85 2.02
CA PHE A 330 10.63 -6.27 3.16
C PHE A 330 10.47 -7.78 3.39
N ILE A 331 11.46 -8.29 4.11
CA ILE A 331 11.60 -9.73 4.37
C ILE A 331 11.78 -9.91 5.88
N PRO A 332 10.73 -10.21 6.59
CA PRO A 332 10.86 -10.27 8.06
C PRO A 332 11.91 -11.25 8.55
N GLU A 333 12.06 -12.40 7.90
CA GLU A 333 13.04 -13.36 8.37
C GLU A 333 14.45 -12.76 8.45
N LYS A 334 14.75 -11.89 7.51
CA LYS A 334 16.06 -11.29 7.38
C LYS A 334 16.16 -9.89 7.97
N GLN A 335 15.04 -9.34 8.38
CA GLN A 335 15.01 -8.00 8.95
C GLN A 335 15.72 -7.01 8.03
N ILE A 336 15.37 -7.10 6.74
CA ILE A 336 15.77 -6.10 5.77
C ILE A 336 14.56 -5.65 4.96
N GLY A 337 14.62 -4.43 4.47
CA GLY A 337 13.49 -3.87 3.70
C GLY A 337 13.95 -2.66 2.94
N ILE A 338 13.10 -2.20 2.03
CA ILE A 338 13.42 -1.02 1.23
C ILE A 338 12.18 -0.20 0.93
N VAL A 339 12.36 1.10 0.84
CA VAL A 339 11.38 2.08 0.36
C VAL A 339 12.03 2.84 -0.78
N MET A 340 11.34 2.92 -1.93
CA MET A 340 11.77 3.72 -3.05
C MET A 340 10.63 4.66 -3.46
N LEU A 341 10.79 5.94 -3.21
CA LEU A 341 9.84 6.96 -3.58
C LEU A 341 10.40 7.76 -4.76
N ALA A 342 9.57 7.95 -5.79
CA ALA A 342 9.98 8.72 -6.95
C ALA A 342 8.87 9.64 -7.44
N ASN A 343 9.29 10.76 -8.04
CA ASN A 343 8.33 11.72 -8.60
C ASN A 343 8.21 11.59 -10.11
N THR A 344 8.20 10.36 -10.59
CA THR A 344 7.61 9.98 -11.85
C THR A 344 7.12 8.53 -11.73
N SER A 345 6.03 8.21 -12.42
CA SER A 345 5.52 6.85 -12.45
C SER A 345 6.20 6.06 -13.55
N TYR A 346 7.21 5.28 -13.21
CA TYR A 346 7.98 4.44 -14.14
C TYR A 346 7.53 3.00 -13.93
N PRO A 347 7.79 2.10 -14.88
CA PRO A 347 7.17 0.78 -14.84
C PRO A 347 7.46 -0.01 -13.58
N ASN A 348 6.38 -0.65 -13.08
CA ASN A 348 6.47 -1.46 -11.88
C ASN A 348 7.57 -2.50 -11.97
N PRO A 349 7.72 -3.26 -13.06
CA PRO A 349 8.79 -4.27 -13.10
C PRO A 349 10.16 -3.65 -12.84
N ALA A 350 10.41 -2.43 -13.27
CA ALA A 350 11.70 -1.81 -13.00
C ALA A 350 11.92 -1.46 -11.54
N ARG A 351 10.82 -1.10 -10.87
CA ARG A 351 10.89 -0.86 -9.42
C ARG A 351 11.29 -2.12 -8.67
N VAL A 352 10.58 -3.21 -8.99
CA VAL A 352 10.82 -4.48 -8.33
C VAL A 352 12.25 -4.95 -8.61
N GLU A 353 12.70 -4.87 -9.87
CA GLU A 353 14.02 -5.35 -10.22
C GLU A 353 15.07 -4.60 -9.40
N ALA A 354 14.92 -3.25 -9.29
CA ALA A 354 15.92 -2.50 -8.53
C ALA A 354 15.90 -2.83 -7.05
N ALA A 355 14.71 -2.87 -6.47
CA ALA A 355 14.55 -3.22 -5.07
C ALA A 355 15.10 -4.59 -4.73
N TYR A 356 14.80 -5.55 -5.61
CA TYR A 356 15.28 -6.93 -5.42
C TYR A 356 16.80 -6.91 -5.46
N HIS A 357 17.37 -6.19 -6.41
CA HIS A 357 18.83 -6.22 -6.50
C HIS A 357 19.51 -5.69 -5.26
N ILE A 358 18.92 -4.60 -4.73
CA ILE A 358 19.49 -4.00 -3.53
C ILE A 358 19.37 -4.95 -2.34
N LEU A 359 18.19 -5.50 -2.13
CA LEU A 359 18.02 -6.42 -1.00
C LEU A 359 18.82 -7.69 -1.15
N GLU A 360 18.98 -8.17 -2.41
CA GLU A 360 19.80 -9.35 -2.61
C GLU A 360 21.22 -9.16 -2.09
N ALA A 361 21.69 -7.92 -2.18
CA ALA A 361 23.06 -7.60 -1.79
C ALA A 361 23.21 -7.78 -0.29
N LEU A 362 22.08 -7.77 0.41
CA LEU A 362 22.16 -7.85 1.85
C LEU A 362 21.91 -9.23 2.43
N GLN A 363 21.45 -10.18 1.61
CA GLN A 363 20.94 -11.37 2.31
C GLN A 363 22.09 -12.33 2.57
#